data_4YER
#
_entry.id   4YER
#
_cell.length_a   61.310
_cell.length_b   101.180
_cell.length_c   110.210
_cell.angle_alpha   90.000
_cell.angle_beta   90.000
_cell.angle_gamma   90.000
#
_symmetry.space_group_name_H-M   'P 21 21 21'
#
loop_
_entity.id
_entity.type
_entity.pdbx_description
1 polymer 'ABC transporter ATP-binding protein'
2 non-polymer "ADENOSINE-5'-DIPHOSPHATE"
3 non-polymer 'CHLORIDE ION'
4 water water
#
_entity_poly.entity_id   1
_entity_poly.type   'polypeptide(L)'
_entity_poly.pdbx_seq_one_letter_code
;G(MSE)EDIIVVENLVKKFGDFEAVKGVSFSVKKGEIFAFLGPNGAGKTTTIH(MSE)LTTLLKPTSGKAWVAGHDVLKE
PREVRRKIGIVFQDQSLDRELTAYEN(MSE)YIHGKIYGYGGEKLKKRILELLEFVELLEFKDKPVKTFSGG(MSE)ARR
LEIARSLIHEPEVLFLDEPTIGLDPHTRAH(MSE)WEYISK(MSE)KKEHN(MSE)TIFLTTHY(MSE)DEAEQLADRVA
IIDHGKIIALGTPTELKR(MSE)VGKEIIYVRFSEAVECLEGDFIESCRKLPDGRLELNVEDSGRAIPKIFELAQQKGLK
IEEITYHKPTLNDVFLHLTGRELREEGPENSFKT(MSE)AR(MSE)R(MSE)R(MSE)RR
;
_entity_poly.pdbx_strand_id   A,B
#
loop_
_chem_comp.id
_chem_comp.type
_chem_comp.name
_chem_comp.formula
ADP non-polymer ADENOSINE-5'-DIPHOSPHATE 'C10 H15 N5 O10 P2'
CL non-polymer 'CHLORIDE ION' 'Cl -1'
#
# COMPACT_ATOMS: atom_id res chain seq x y z
N MSE A 2 -2.33 25.30 25.70
CA MSE A 2 -2.47 24.38 24.57
C MSE A 2 -1.43 24.76 23.49
O MSE A 2 -1.72 25.46 22.52
CB MSE A 2 -3.92 24.44 24.05
N GLU A 3 -0.18 24.32 23.71
CA GLU A 3 0.95 24.67 22.85
C GLU A 3 0.89 23.96 21.50
N ASP A 4 1.10 24.74 20.42
CA ASP A 4 1.18 24.20 19.06
C ASP A 4 2.58 23.66 18.91
N ILE A 5 2.70 22.35 18.70
CA ILE A 5 3.99 21.68 18.55
C ILE A 5 4.38 21.55 17.05
N ILE A 6 3.40 21.74 16.13
CA ILE A 6 3.62 21.79 14.68
C ILE A 6 2.82 22.97 14.17
N VAL A 7 3.48 23.90 13.45
CA VAL A 7 2.84 25.06 12.80
C VAL A 7 3.31 25.06 11.34
N VAL A 8 2.38 24.95 10.38
CA VAL A 8 2.69 24.92 8.94
C VAL A 8 1.95 26.04 8.25
N GLU A 9 2.66 26.85 7.45
CA GLU A 9 2.09 28.00 6.76
C GLU A 9 2.43 27.99 5.26
N ASN A 10 1.40 27.76 4.41
CA ASN A 10 1.48 27.75 2.96
C ASN A 10 2.68 26.92 2.47
N LEU A 11 2.74 25.67 2.95
CA LEU A 11 3.84 24.79 2.57
C LEU A 11 3.59 24.28 1.17
N VAL A 12 4.53 24.55 0.25
CA VAL A 12 4.42 24.22 -1.18
C VAL A 12 5.54 23.28 -1.58
N LYS A 13 5.23 22.34 -2.48
CA LYS A 13 6.23 21.50 -3.14
C LYS A 13 5.88 21.32 -4.59
N LYS A 14 6.84 21.69 -5.45
CA LYS A 14 6.75 21.47 -6.88
C LYS A 14 7.85 20.52 -7.33
N PHE A 15 7.52 19.61 -8.24
CA PHE A 15 8.44 18.71 -8.91
C PHE A 15 8.44 19.18 -10.34
N GLY A 16 9.40 20.03 -10.68
CA GLY A 16 9.42 20.70 -11.98
C GLY A 16 8.28 21.69 -12.05
N ASP A 17 7.37 21.53 -13.02
CA ASP A 17 6.17 22.36 -13.17
C ASP A 17 4.96 21.71 -12.50
N PHE A 18 5.11 20.48 -11.96
CA PHE A 18 4.01 19.79 -11.32
C PHE A 18 3.89 20.24 -9.85
N GLU A 19 2.66 20.62 -9.42
CA GLU A 19 2.40 21.03 -8.05
C GLU A 19 1.90 19.84 -7.23
N ALA A 20 2.76 19.28 -6.37
CA ALA A 20 2.40 18.15 -5.51
C ALA A 20 1.65 18.63 -4.26
N VAL A 21 2.16 19.70 -3.61
CA VAL A 21 1.55 20.30 -2.41
C VAL A 21 1.40 21.77 -2.76
N LYS A 22 0.18 22.33 -2.65
CA LYS A 22 -0.13 23.67 -3.20
C LYS A 22 -0.25 24.79 -2.19
N GLY A 23 0.35 24.63 -1.02
CA GLY A 23 0.30 25.65 0.01
C GLY A 23 -0.69 25.20 1.05
N VAL A 24 -0.26 24.28 1.93
CA VAL A 24 -1.13 23.71 2.97
C VAL A 24 -0.76 24.36 4.30
N SER A 25 -1.77 24.63 5.14
CA SER A 25 -1.56 25.22 6.45
C SER A 25 -2.41 24.54 7.49
N PHE A 26 -1.85 24.38 8.68
CA PHE A 26 -2.51 23.74 9.82
C PHE A 26 -1.59 23.82 11.03
N SER A 27 -2.10 23.44 12.18
CA SER A 27 -1.30 23.37 13.40
C SER A 27 -1.73 22.14 14.18
N VAL A 28 -0.81 21.58 14.94
CA VAL A 28 -1.08 20.40 15.78
C VAL A 28 -0.73 20.75 17.19
N LYS A 29 -1.68 20.54 18.12
CA LYS A 29 -1.49 20.77 19.55
C LYS A 29 -0.63 19.65 20.16
N LYS A 30 0.03 19.93 21.28
CA LYS A 30 0.84 18.92 21.99
C LYS A 30 -0.06 17.82 22.53
N GLY A 31 0.34 16.56 22.32
CA GLY A 31 -0.42 15.41 22.78
C GLY A 31 -1.61 15.07 21.89
N GLU A 32 -1.65 15.61 20.68
CA GLU A 32 -2.72 15.36 19.74
C GLU A 32 -2.34 14.31 18.73
N ILE A 33 -3.33 13.55 18.21
CA ILE A 33 -3.19 12.67 17.05
C ILE A 33 -3.81 13.46 15.91
N PHE A 34 -3.01 13.88 14.94
CA PHE A 34 -3.46 14.65 13.80
C PHE A 34 -3.23 13.84 12.56
N ALA A 35 -4.27 13.67 11.74
CA ALA A 35 -4.19 12.83 10.55
C ALA A 35 -4.45 13.59 9.26
N PHE A 36 -3.63 13.34 8.26
CA PHE A 36 -3.82 13.79 6.88
C PHE A 36 -4.59 12.64 6.21
N LEU A 37 -5.87 12.84 5.87
CA LEU A 37 -6.68 11.80 5.22
C LEU A 37 -6.90 12.19 3.76
N GLY A 38 -6.48 11.36 2.85
CA GLY A 38 -6.66 11.62 1.43
C GLY A 38 -6.31 10.42 0.59
N PRO A 39 -6.75 10.38 -0.67
CA PRO A 39 -6.43 9.21 -1.54
C PRO A 39 -4.98 9.23 -2.04
N ASN A 40 -4.58 8.17 -2.75
CA ASN A 40 -3.25 8.08 -3.38
C ASN A 40 -3.10 9.24 -4.36
N GLY A 41 -1.95 9.91 -4.34
CA GLY A 41 -1.69 11.09 -5.18
C GLY A 41 -2.10 12.44 -4.58
N ALA A 42 -2.62 12.49 -3.34
CA ALA A 42 -3.07 13.76 -2.75
C ALA A 42 -1.92 14.68 -2.26
N GLY A 43 -0.71 14.16 -2.07
CA GLY A 43 0.43 14.92 -1.55
C GLY A 43 0.73 14.64 -0.08
N LYS A 44 0.26 13.50 0.46
CA LYS A 44 0.48 13.14 1.86
C LYS A 44 1.96 12.80 2.15
N THR A 45 2.58 11.90 1.36
CA THR A 45 4.00 11.53 1.55
C THR A 45 4.93 12.74 1.33
N THR A 46 4.67 13.55 0.31
CA THR A 46 5.47 14.75 0.04
C THR A 46 5.39 15.69 1.23
N THR A 47 4.20 15.91 1.79
CA THR A 47 4.06 16.77 2.98
C THR A 47 4.84 16.21 4.16
N ILE A 48 4.65 14.92 4.48
CA ILE A 48 5.29 14.33 5.66
C ILE A 48 6.85 14.33 5.48
N HIS A 49 7.36 14.17 4.23
CA HIS A 49 8.81 14.22 3.99
C HIS A 49 9.36 15.66 4.25
N MSE A 50 8.56 16.70 3.94
CA MSE A 50 8.96 18.08 4.21
C MSE A 50 8.96 18.39 5.71
O MSE A 50 9.86 19.07 6.18
CB MSE A 50 8.06 19.08 3.49
CG MSE A 50 8.24 19.07 1.99
SE MSE A 50 7.29 20.52 1.16
CE MSE A 50 5.45 19.91 1.32
N LEU A 51 7.93 17.92 6.44
CA LEU A 51 7.81 18.13 7.91
C LEU A 51 8.92 17.43 8.70
N THR A 52 9.45 16.32 8.17
CA THR A 52 10.49 15.53 8.85
C THR A 52 11.91 15.85 8.37
N THR A 53 12.09 16.91 7.55
CA THR A 53 13.40 17.39 7.05
C THR A 53 14.01 16.49 5.95
N LEU A 54 13.28 15.49 5.43
CA LEU A 54 13.84 14.61 4.38
C LEU A 54 13.73 15.22 2.97
N LEU A 55 12.82 16.20 2.76
CA LEU A 55 12.62 16.85 1.46
C LEU A 55 12.56 18.36 1.66
N LYS A 56 13.29 19.12 0.86
CA LYS A 56 13.29 20.58 0.98
C LYS A 56 12.01 21.17 0.36
N PRO A 57 11.25 22.05 1.06
CA PRO A 57 10.05 22.66 0.42
C PRO A 57 10.40 23.62 -0.74
N THR A 58 9.47 23.86 -1.66
CA THR A 58 9.68 24.86 -2.71
C THR A 58 9.54 26.22 -2.03
N SER A 59 8.53 26.31 -1.13
CA SER A 59 8.30 27.52 -0.34
C SER A 59 7.36 27.21 0.83
N GLY A 60 7.17 28.19 1.70
CA GLY A 60 6.33 28.05 2.88
C GLY A 60 7.16 27.93 4.14
N LYS A 61 6.49 27.68 5.25
CA LYS A 61 7.15 27.66 6.57
C LYS A 61 6.61 26.52 7.36
N ALA A 62 7.50 25.88 8.12
CA ALA A 62 7.16 24.76 8.99
C ALA A 62 8.01 24.82 10.24
N TRP A 63 7.36 24.76 11.41
CA TRP A 63 8.02 24.74 12.71
C TRP A 63 7.59 23.48 13.39
N VAL A 64 8.55 22.71 13.88
CA VAL A 64 8.27 21.46 14.58
C VAL A 64 9.00 21.48 15.92
N ALA A 65 8.25 21.25 17.01
CA ALA A 65 8.79 21.20 18.36
C ALA A 65 9.63 22.44 18.68
N GLY A 66 9.07 23.62 18.42
CA GLY A 66 9.72 24.90 18.67
C GLY A 66 10.92 25.24 17.80
N HIS A 67 11.11 24.55 16.64
CA HIS A 67 12.26 24.79 15.76
C HIS A 67 11.87 24.87 14.31
N ASP A 68 12.55 25.73 13.55
CA ASP A 68 12.30 25.92 12.13
C ASP A 68 12.85 24.73 11.35
N VAL A 69 11.97 24.06 10.59
CA VAL A 69 12.30 22.88 9.79
C VAL A 69 13.34 23.18 8.71
N LEU A 70 13.20 24.37 8.08
CA LEU A 70 14.05 24.80 6.99
C LEU A 70 15.42 25.28 7.48
N LYS A 71 15.48 26.04 8.60
CA LYS A 71 16.73 26.61 9.14
C LYS A 71 17.38 25.80 10.27
N GLU A 72 16.66 24.90 10.95
CA GLU A 72 17.20 24.07 12.04
C GLU A 72 16.82 22.60 11.85
N PRO A 73 17.11 21.99 10.67
CA PRO A 73 16.70 20.58 10.46
C PRO A 73 17.33 19.60 11.44
N ARG A 74 18.61 19.79 11.81
CA ARG A 74 19.30 18.88 12.75
C ARG A 74 18.64 18.94 14.14
N GLU A 75 18.24 20.13 14.61
CA GLU A 75 17.56 20.27 15.91
C GLU A 75 16.16 19.65 15.84
N VAL A 76 15.46 19.77 14.69
CA VAL A 76 14.15 19.15 14.49
C VAL A 76 14.29 17.62 14.46
N ARG A 77 15.29 17.06 13.74
CA ARG A 77 15.52 15.60 13.65
C ARG A 77 15.71 14.97 15.03
N ARG A 78 16.40 15.67 15.93
CA ARG A 78 16.65 15.19 17.28
C ARG A 78 15.36 15.09 18.13
N LYS A 79 14.34 15.89 17.83
CA LYS A 79 13.08 15.95 18.59
C LYS A 79 11.93 15.12 18.00
N ILE A 80 12.12 14.48 16.84
CA ILE A 80 11.03 13.74 16.17
C ILE A 80 11.43 12.30 15.85
N GLY A 81 10.41 11.46 15.66
CA GLY A 81 10.55 10.06 15.27
C GLY A 81 9.94 9.88 13.88
N ILE A 82 10.61 9.10 13.04
CA ILE A 82 10.18 8.87 11.66
C ILE A 82 9.96 7.35 11.42
N VAL A 83 8.73 6.96 11.05
CA VAL A 83 8.39 5.59 10.66
C VAL A 83 7.72 5.66 9.28
N PHE A 84 8.53 5.62 8.20
CA PHE A 84 8.06 5.71 6.80
C PHE A 84 8.08 4.31 6.13
N GLN A 85 7.87 4.23 4.80
CA GLN A 85 7.83 2.96 4.08
C GLN A 85 9.25 2.41 3.93
N ASP A 86 10.14 3.20 3.29
CA ASP A 86 11.56 2.86 3.08
C ASP A 86 12.24 2.65 4.43
N GLN A 87 12.41 1.38 4.84
CA GLN A 87 13.02 1.06 6.12
C GLN A 87 14.53 1.25 6.07
N SER A 88 15.13 1.52 7.23
CA SER A 88 16.58 1.65 7.40
C SER A 88 17.11 0.45 8.20
N LEU A 89 16.26 -0.56 8.52
CA LEU A 89 16.65 -1.73 9.31
C LEU A 89 17.57 -2.65 8.53
N ASP A 90 18.69 -3.06 9.14
CA ASP A 90 19.64 -3.97 8.54
C ASP A 90 19.13 -5.41 8.72
N ARG A 91 18.90 -6.11 7.59
CA ARG A 91 18.39 -7.49 7.60
C ARG A 91 19.39 -8.48 8.22
N GLU A 92 20.72 -8.19 8.15
CA GLU A 92 21.73 -9.07 8.74
C GLU A 92 21.78 -8.98 10.27
N LEU A 93 21.56 -7.79 10.84
CA LEU A 93 21.55 -7.60 12.29
C LEU A 93 20.22 -8.05 12.91
N THR A 94 20.25 -8.48 14.20
CA THR A 94 19.04 -8.87 14.92
C THR A 94 18.22 -7.62 15.31
N ALA A 95 17.00 -7.82 15.85
CA ALA A 95 16.13 -6.73 16.29
C ALA A 95 16.81 -5.89 17.35
N TYR A 96 17.41 -6.53 18.37
CA TYR A 96 18.14 -5.86 19.44
C TYR A 96 19.33 -5.08 18.91
N GLU A 97 20.13 -5.71 18.01
CA GLU A 97 21.31 -5.10 17.40
C GLU A 97 20.94 -3.87 16.56
N ASN A 98 19.86 -3.95 15.76
CA ASN A 98 19.38 -2.79 14.99
C ASN A 98 19.03 -1.61 15.90
N MSE A 99 18.44 -1.91 17.07
CA MSE A 99 18.04 -0.90 18.07
C MSE A 99 19.29 -0.31 18.72
O MSE A 99 19.34 0.91 18.91
CB MSE A 99 17.13 -1.52 19.17
CG MSE A 99 15.83 -2.14 18.66
SE MSE A 99 14.36 -0.90 18.47
CE MSE A 99 14.03 -0.47 20.40
N TYR A 100 20.30 -1.17 19.04
CA TYR A 100 21.55 -0.71 19.68
C TYR A 100 22.29 0.25 18.73
N ILE A 101 22.29 -0.03 17.40
CA ILE A 101 22.94 0.83 16.40
C ILE A 101 22.33 2.23 16.43
N HIS A 102 20.98 2.30 16.34
CA HIS A 102 20.25 3.58 16.36
C HIS A 102 20.45 4.32 17.68
N GLY A 103 20.50 3.60 18.80
CA GLY A 103 20.71 4.19 20.12
C GLY A 103 22.08 4.84 20.27
N LYS A 104 23.13 4.14 19.84
CA LYS A 104 24.51 4.66 19.91
C LYS A 104 24.72 5.85 18.97
N ILE A 105 24.02 5.87 17.82
CA ILE A 105 24.10 6.99 16.86
C ILE A 105 23.54 8.28 17.51
N TYR A 106 22.43 8.19 18.26
CA TYR A 106 21.81 9.35 18.89
C TYR A 106 22.49 9.78 20.22
N GLY A 107 23.50 9.04 20.69
CA GLY A 107 24.26 9.37 21.89
C GLY A 107 23.96 8.59 23.16
N TYR A 108 23.15 7.52 23.08
CA TYR A 108 22.79 6.72 24.25
C TYR A 108 23.79 5.56 24.42
N GLY A 109 23.75 4.92 25.58
CA GLY A 109 24.63 3.80 25.87
C GLY A 109 24.47 3.22 27.26
N GLY A 110 25.30 2.23 27.56
CA GLY A 110 25.32 1.56 28.85
C GLY A 110 24.10 0.72 29.15
N GLU A 111 23.94 0.37 30.43
CA GLU A 111 22.81 -0.43 30.93
C GLU A 111 21.47 0.28 30.66
N LYS A 112 21.45 1.63 30.70
CA LYS A 112 20.23 2.43 30.47
C LYS A 112 19.70 2.25 29.03
N LEU A 113 20.60 2.23 28.02
CA LEU A 113 20.19 2.02 26.62
C LEU A 113 19.66 0.59 26.46
N LYS A 114 20.34 -0.41 27.05
CA LYS A 114 19.90 -1.81 27.03
C LYS A 114 18.49 -1.95 27.61
N LYS A 115 18.22 -1.28 28.75
CA LYS A 115 16.90 -1.35 29.41
C LYS A 115 15.81 -0.74 28.53
N ARG A 116 16.09 0.46 27.97
CA ARG A 116 15.16 1.18 27.11
C ARG A 116 14.84 0.39 25.82
N ILE A 117 15.81 -0.38 25.27
CA ILE A 117 15.58 -1.20 24.07
C ILE A 117 14.60 -2.32 24.42
N LEU A 118 14.86 -3.04 25.52
CA LEU A 118 14.03 -4.15 25.97
C LEU A 118 12.61 -3.65 26.32
N GLU A 119 12.50 -2.46 26.98
CA GLU A 119 11.21 -1.78 27.29
C GLU A 119 10.41 -1.52 26.00
N LEU A 120 11.07 -0.88 25.03
CA LEU A 120 10.46 -0.54 23.76
C LEU A 120 10.11 -1.79 22.94
N LEU A 121 10.96 -2.85 23.02
CA LEU A 121 10.66 -4.13 22.35
C LEU A 121 9.45 -4.80 23.03
N GLU A 122 9.35 -4.69 24.37
CA GLU A 122 8.18 -5.20 25.12
C GLU A 122 6.93 -4.39 24.73
N PHE A 123 7.06 -3.07 24.61
CA PHE A 123 5.93 -2.21 24.22
C PHE A 123 5.36 -2.60 22.82
N VAL A 124 6.23 -2.92 21.83
CA VAL A 124 5.75 -3.30 20.49
C VAL A 124 5.59 -4.85 20.35
N GLU A 125 5.69 -5.60 21.47
CA GLU A 125 5.49 -7.04 21.55
C GLU A 125 6.49 -7.84 20.67
N LEU A 126 7.78 -7.42 20.68
CA LEU A 126 8.87 -8.07 19.96
C LEU A 126 10.01 -8.50 20.91
N LEU A 127 9.81 -8.45 22.25
CA LEU A 127 10.86 -8.83 23.20
C LEU A 127 11.28 -10.29 23.02
N GLU A 128 10.34 -11.20 22.67
CA GLU A 128 10.67 -12.63 22.48
C GLU A 128 11.52 -12.85 21.21
N PHE A 129 11.49 -11.91 20.24
CA PHE A 129 12.30 -11.98 19.01
C PHE A 129 13.51 -11.01 19.06
N LYS A 130 13.96 -10.57 20.27
CA LYS A 130 15.07 -9.62 20.41
C LYS A 130 16.37 -10.15 19.76
N ASP A 131 16.67 -11.45 19.92
CA ASP A 131 17.87 -12.09 19.36
C ASP A 131 17.49 -12.94 18.13
N LYS A 132 16.81 -12.32 17.15
CA LYS A 132 16.38 -12.98 15.92
C LYS A 132 16.69 -12.09 14.71
N PRO A 133 17.30 -12.60 13.61
CA PRO A 133 17.62 -11.73 12.46
C PRO A 133 16.38 -11.08 11.83
N VAL A 134 16.53 -9.83 11.37
CA VAL A 134 15.45 -9.05 10.75
C VAL A 134 15.19 -9.55 9.30
N LYS A 135 16.12 -10.34 8.72
CA LYS A 135 15.90 -10.98 7.41
C LYS A 135 14.73 -11.98 7.52
N THR A 136 14.59 -12.62 8.71
CA THR A 136 13.53 -13.60 9.00
C THR A 136 12.31 -12.96 9.68
N PHE A 137 11.98 -11.68 9.37
CA PHE A 137 10.81 -10.98 9.94
C PHE A 137 9.79 -10.74 8.85
N SER A 138 8.51 -10.70 9.22
CA SER A 138 7.44 -10.34 8.31
C SER A 138 7.43 -8.80 8.18
N GLY A 139 6.46 -8.24 7.46
CA GLY A 139 6.31 -6.81 7.27
C GLY A 139 5.77 -6.12 8.51
N GLY A 140 4.82 -6.79 9.17
CA GLY A 140 4.20 -6.30 10.38
C GLY A 140 5.20 -6.19 11.50
N MSE A 141 6.01 -7.23 11.69
CA MSE A 141 7.06 -7.26 12.72
C MSE A 141 8.09 -6.14 12.47
O MSE A 141 8.45 -5.42 13.39
CB MSE A 141 7.75 -8.63 12.73
CG MSE A 141 6.85 -9.74 13.22
SE MSE A 141 7.66 -11.53 12.97
CE MSE A 141 8.66 -11.58 14.63
N ALA A 142 8.55 -5.99 11.20
CA ALA A 142 9.51 -4.96 10.80
C ALA A 142 8.93 -3.57 11.05
N ARG A 143 7.62 -3.36 10.81
CA ARG A 143 7.01 -2.07 11.06
C ARG A 143 6.87 -1.82 12.57
N ARG A 144 6.56 -2.86 13.35
CA ARG A 144 6.49 -2.75 14.81
C ARG A 144 7.89 -2.39 15.36
N LEU A 145 8.96 -2.98 14.78
CA LEU A 145 10.35 -2.70 15.15
C LEU A 145 10.76 -1.25 14.81
N GLU A 146 10.23 -0.69 13.71
CA GLU A 146 10.49 0.70 13.32
C GLU A 146 9.86 1.67 14.31
N ILE A 147 8.67 1.34 14.86
CA ILE A 147 7.99 2.16 15.89
C ILE A 147 8.88 2.17 17.15
N ALA A 148 9.32 1.00 17.63
CA ALA A 148 10.19 0.91 18.81
C ALA A 148 11.50 1.66 18.58
N ARG A 149 12.11 1.52 17.39
CA ARG A 149 13.36 2.19 17.02
C ARG A 149 13.22 3.71 17.01
N SER A 150 12.13 4.23 16.47
CA SER A 150 11.90 5.68 16.41
C SER A 150 11.72 6.33 17.80
N LEU A 151 11.36 5.54 18.83
CA LEU A 151 11.15 6.02 20.19
C LEU A 151 12.40 6.00 21.10
N ILE A 152 13.52 5.37 20.68
CA ILE A 152 14.75 5.29 21.51
C ILE A 152 15.21 6.67 21.99
N HIS A 153 15.29 7.64 21.08
CA HIS A 153 15.79 8.97 21.41
C HIS A 153 14.69 9.91 21.97
N GLU A 154 13.58 9.36 22.54
CA GLU A 154 12.51 10.10 23.21
C GLU A 154 12.03 11.31 22.40
N PRO A 155 11.46 11.07 21.20
CA PRO A 155 10.97 12.20 20.39
C PRO A 155 9.69 12.78 21.00
N GLU A 156 9.39 14.05 20.71
CA GLU A 156 8.16 14.68 21.18
C GLU A 156 7.03 14.42 20.20
N VAL A 157 7.38 14.23 18.93
CA VAL A 157 6.44 14.02 17.82
C VAL A 157 6.83 12.79 17.05
N LEU A 158 5.85 11.96 16.73
CA LEU A 158 6.10 10.78 15.90
C LEU A 158 5.40 11.00 14.55
N PHE A 159 6.15 10.85 13.44
CA PHE A 159 5.61 10.98 12.08
C PHE A 159 5.45 9.60 11.44
N LEU A 160 4.19 9.22 11.10
CA LEU A 160 3.88 7.91 10.50
C LEU A 160 3.31 8.09 9.10
N ASP A 161 4.01 7.61 8.08
CA ASP A 161 3.49 7.70 6.72
C ASP A 161 2.72 6.40 6.45
N GLU A 162 1.38 6.40 6.62
CA GLU A 162 0.51 5.21 6.40
C GLU A 162 0.94 4.04 7.29
N PRO A 163 0.73 4.20 8.61
CA PRO A 163 1.30 3.20 9.54
C PRO A 163 0.82 1.75 9.34
N THR A 164 -0.43 1.53 8.90
CA THR A 164 -0.97 0.18 8.78
C THR A 164 -1.22 -0.32 7.33
N ILE A 165 -0.65 0.33 6.28
CA ILE A 165 -0.82 -0.14 4.90
C ILE A 165 -0.07 -1.49 4.76
N GLY A 166 -0.68 -2.47 4.11
CA GLY A 166 -0.06 -3.76 3.91
C GLY A 166 -0.05 -4.69 5.11
N LEU A 167 -0.78 -4.36 6.19
CA LEU A 167 -0.83 -5.22 7.39
C LEU A 167 -2.11 -5.99 7.52
N ASP A 168 -2.03 -7.11 8.29
CA ASP A 168 -3.18 -7.93 8.63
C ASP A 168 -4.02 -7.23 9.67
N PRO A 169 -5.31 -7.61 9.88
CA PRO A 169 -6.14 -6.91 10.89
C PRO A 169 -5.60 -6.96 12.32
N HIS A 170 -4.98 -8.08 12.74
CA HIS A 170 -4.47 -8.21 14.12
C HIS A 170 -3.30 -7.25 14.35
N THR A 171 -2.29 -7.24 13.46
CA THR A 171 -1.17 -6.29 13.58
C THR A 171 -1.70 -4.84 13.47
N ARG A 172 -2.68 -4.60 12.60
CA ARG A 172 -3.28 -3.27 12.40
C ARG A 172 -3.93 -2.78 13.70
N ALA A 173 -4.72 -3.66 14.35
CA ALA A 173 -5.38 -3.38 15.64
C ALA A 173 -4.35 -3.08 16.73
N HIS A 174 -3.24 -3.85 16.77
CA HIS A 174 -2.17 -3.64 17.74
C HIS A 174 -1.44 -2.32 17.45
N MSE A 175 -1.24 -1.97 16.17
CA MSE A 175 -0.60 -0.71 15.77
C MSE A 175 -1.41 0.49 16.28
O MSE A 175 -0.84 1.47 16.75
CB MSE A 175 -0.45 -0.60 14.23
CG MSE A 175 0.74 0.27 13.80
SE MSE A 175 2.43 -0.72 14.01
CE MSE A 175 2.34 -1.85 12.61
N TRP A 176 -2.75 0.40 16.23
CA TRP A 176 -3.63 1.45 16.74
C TRP A 176 -3.53 1.59 18.25
N GLU A 177 -3.34 0.44 18.96
CA GLU A 177 -3.19 0.43 20.41
C GLU A 177 -1.89 1.17 20.82
N TYR A 178 -0.77 0.91 20.13
CA TYR A 178 0.49 1.61 20.42
C TYR A 178 0.35 3.11 20.25
N ILE A 179 -0.25 3.55 19.15
CA ILE A 179 -0.46 4.96 18.84
C ILE A 179 -1.29 5.62 19.94
N SER A 180 -2.38 4.94 20.33
CA SER A 180 -3.29 5.44 21.37
C SER A 180 -2.55 5.56 22.72
N LYS A 181 -1.78 4.52 23.06
CA LYS A 181 -1.01 4.50 24.31
C LYS A 181 0.11 5.54 24.28
N MSE A 182 0.72 5.81 23.12
CA MSE A 182 1.78 6.83 23.04
C MSE A 182 1.19 8.22 23.33
O MSE A 182 1.78 9.00 24.08
CB MSE A 182 2.46 6.83 21.67
CG MSE A 182 3.49 5.72 21.47
SE MSE A 182 4.26 5.86 19.65
CE MSE A 182 3.43 4.40 18.74
N LYS A 183 0.03 8.53 22.72
CA LYS A 183 -0.67 9.80 22.97
C LYS A 183 -1.09 9.91 24.44
N LYS A 184 -1.93 8.96 24.93
CA LYS A 184 -2.51 9.02 26.26
C LYS A 184 -1.50 8.83 27.39
N GLU A 185 -0.69 7.79 27.34
CA GLU A 185 0.22 7.48 28.45
C GLU A 185 1.56 8.23 28.38
N HIS A 186 1.97 8.77 27.21
CA HIS A 186 3.28 9.45 27.14
C HIS A 186 3.23 10.86 26.57
N ASN A 187 2.03 11.48 26.45
CA ASN A 187 1.84 12.85 25.95
C ASN A 187 2.50 13.04 24.60
N MSE A 188 2.50 12.00 23.79
CA MSE A 188 3.13 12.01 22.48
C MSE A 188 2.23 12.70 21.49
O MSE A 188 1.01 12.60 21.57
CB MSE A 188 3.40 10.58 22.01
CG MSE A 188 4.46 10.49 20.93
SE MSE A 188 6.17 10.48 21.80
CE MSE A 188 6.17 8.68 22.26
N THR A 189 2.86 13.40 20.54
CA THR A 189 2.14 14.00 19.43
C THR A 189 2.37 13.09 18.26
N ILE A 190 1.31 12.80 17.51
CA ILE A 190 1.44 11.90 16.37
C ILE A 190 0.82 12.57 15.16
N PHE A 191 1.63 12.72 14.11
CA PHE A 191 1.17 13.19 12.82
C PHE A 191 1.17 11.95 11.92
N LEU A 192 0.03 11.56 11.39
CA LEU A 192 -0.01 10.40 10.52
C LEU A 192 -0.72 10.71 9.22
N THR A 193 -0.27 10.04 8.15
CA THR A 193 -0.94 10.13 6.85
C THR A 193 -1.71 8.86 6.67
N THR A 194 -2.88 8.92 6.04
CA THR A 194 -3.69 7.72 5.84
C THR A 194 -4.73 7.91 4.74
N HIS A 195 -5.17 6.81 4.11
CA HIS A 195 -6.28 6.81 3.16
C HIS A 195 -7.41 5.90 3.71
N TYR A 196 -7.33 5.51 4.99
CA TYR A 196 -8.35 4.66 5.64
C TYR A 196 -9.26 5.51 6.50
N MSE A 197 -10.56 5.57 6.16
CA MSE A 197 -11.57 6.35 6.88
C MSE A 197 -11.77 5.87 8.34
O MSE A 197 -12.08 6.69 9.19
CB MSE A 197 -12.91 6.41 6.11
CG MSE A 197 -13.96 5.35 6.47
SE MSE A 197 -13.50 3.56 5.93
CE MSE A 197 -14.42 3.50 4.14
N ASP A 198 -11.58 4.56 8.62
CA ASP A 198 -11.74 4.03 9.99
C ASP A 198 -10.55 4.43 10.90
N GLU A 199 -9.32 4.38 10.35
CA GLU A 199 -8.09 4.74 11.06
C GLU A 199 -8.14 6.21 11.49
N ALA A 200 -8.53 7.12 10.59
CA ALA A 200 -8.65 8.55 10.90
C ALA A 200 -9.75 8.80 11.95
N GLU A 201 -10.91 8.11 11.84
CA GLU A 201 -12.02 8.27 12.81
C GLU A 201 -11.68 7.75 14.19
N GLN A 202 -11.15 6.55 14.24
CA GLN A 202 -10.82 5.88 15.50
C GLN A 202 -9.67 6.53 16.26
N LEU A 203 -8.63 7.04 15.57
CA LEU A 203 -7.43 7.58 16.21
C LEU A 203 -7.31 9.10 16.29
N ALA A 204 -7.69 9.82 15.25
CA ALA A 204 -7.41 11.24 15.15
C ALA A 204 -8.28 12.13 16.01
N ASP A 205 -7.67 13.14 16.63
CA ASP A 205 -8.37 14.18 17.34
C ASP A 205 -8.92 15.15 16.28
N ARG A 206 -8.08 15.45 15.30
CA ARG A 206 -8.43 16.29 14.16
C ARG A 206 -7.90 15.70 12.89
N VAL A 207 -8.62 15.92 11.80
CA VAL A 207 -8.29 15.42 10.49
C VAL A 207 -8.27 16.53 9.48
N ALA A 208 -7.22 16.58 8.63
CA ALA A 208 -7.15 17.45 7.47
C ALA A 208 -7.42 16.58 6.27
N ILE A 209 -8.54 16.79 5.55
CA ILE A 209 -8.85 16.02 4.35
C ILE A 209 -8.04 16.65 3.24
N ILE A 210 -7.23 15.87 2.55
CA ILE A 210 -6.35 16.39 1.51
C ILE A 210 -6.75 15.77 0.17
N ASP A 211 -6.72 16.60 -0.88
CA ASP A 211 -7.03 16.15 -2.24
C ASP A 211 -6.30 17.00 -3.24
N HIS A 212 -5.54 16.38 -4.14
CA HIS A 212 -4.74 17.04 -5.17
C HIS A 212 -3.91 18.24 -4.61
N GLY A 213 -3.14 17.99 -3.56
CA GLY A 213 -2.22 18.95 -2.97
C GLY A 213 -2.81 20.06 -2.12
N LYS A 214 -4.08 19.93 -1.71
CA LYS A 214 -4.77 20.97 -0.95
C LYS A 214 -5.53 20.40 0.22
N ILE A 215 -5.67 21.19 1.29
CA ILE A 215 -6.53 20.79 2.41
C ILE A 215 -7.92 21.25 1.98
N ILE A 216 -8.89 20.31 1.86
CA ILE A 216 -10.25 20.66 1.41
C ILE A 216 -11.25 20.67 2.58
N ALA A 217 -10.83 20.21 3.77
CA ALA A 217 -11.64 20.21 5.00
C ALA A 217 -10.73 19.93 6.16
N LEU A 218 -11.02 20.52 7.32
CA LEU A 218 -10.19 20.34 8.51
C LEU A 218 -11.06 20.46 9.74
N GLY A 219 -10.96 19.48 10.63
CA GLY A 219 -11.70 19.49 11.90
C GLY A 219 -11.71 18.14 12.57
N THR A 220 -12.51 17.98 13.62
CA THR A 220 -12.61 16.68 14.28
C THR A 220 -13.42 15.74 13.40
N PRO A 221 -13.27 14.39 13.52
CA PRO A 221 -14.10 13.48 12.70
C PRO A 221 -15.61 13.74 12.82
N THR A 222 -16.09 14.22 13.96
CA THR A 222 -17.51 14.53 14.15
C THR A 222 -17.90 15.84 13.44
N GLU A 223 -17.05 16.89 13.52
CA GLU A 223 -17.29 18.14 12.79
C GLU A 223 -17.38 17.87 11.28
N LEU A 224 -16.48 17.01 10.78
CA LEU A 224 -16.46 16.65 9.37
C LEU A 224 -17.70 15.82 9.00
N LYS A 225 -18.08 14.84 9.85
CA LYS A 225 -19.29 14.02 9.61
C LYS A 225 -20.57 14.87 9.60
N ARG A 226 -20.59 16.01 10.35
CA ARG A 226 -21.73 16.92 10.38
C ARG A 226 -22.03 17.54 8.99
N MSE A 227 -21.03 17.56 8.07
CA MSE A 227 -21.20 18.11 6.73
C MSE A 227 -22.12 17.23 5.85
O MSE A 227 -22.60 17.73 4.82
CB MSE A 227 -19.85 18.26 6.02
CG MSE A 227 -18.87 19.18 6.76
SE MSE A 227 -17.21 19.35 5.74
CE MSE A 227 -17.84 20.71 4.48
N VAL A 228 -22.33 15.96 6.21
CA VAL A 228 -23.21 15.03 5.48
C VAL A 228 -24.39 14.69 6.40
N GLY A 229 -25.39 14.02 5.85
CA GLY A 229 -26.57 13.62 6.61
C GLY A 229 -26.27 12.64 7.72
N LYS A 230 -27.26 12.41 8.61
CA LYS A 230 -27.11 11.44 9.71
C LYS A 230 -27.24 10.01 9.16
N GLU A 231 -27.91 9.85 8.01
CA GLU A 231 -28.14 8.57 7.33
C GLU A 231 -28.06 8.79 5.82
N ILE A 232 -27.11 8.13 5.12
CA ILE A 232 -26.91 8.30 3.69
C ILE A 232 -27.39 7.06 2.90
N ILE A 233 -27.83 7.28 1.64
CA ILE A 233 -28.23 6.25 0.70
C ILE A 233 -27.52 6.47 -0.64
N TYR A 234 -27.02 5.38 -1.26
CA TYR A 234 -26.41 5.39 -2.59
C TYR A 234 -27.22 4.46 -3.45
N VAL A 235 -27.87 4.97 -4.50
CA VAL A 235 -28.72 4.16 -5.37
C VAL A 235 -28.25 4.31 -6.83
N ARG A 236 -28.28 3.21 -7.60
CA ARG A 236 -27.88 3.20 -9.02
C ARG A 236 -28.99 2.59 -9.88
N ASP A 247 -40.01 13.53 -0.55
CA ASP A 247 -40.47 13.64 0.83
C ASP A 247 -39.43 13.06 1.78
N PHE A 248 -38.97 11.81 1.54
CA PHE A 248 -37.95 11.20 2.39
C PHE A 248 -36.56 11.74 2.05
N ILE A 249 -36.35 12.28 0.82
CA ILE A 249 -35.06 12.84 0.38
C ILE A 249 -34.91 14.28 0.91
N GLU A 250 -33.94 14.51 1.81
CA GLU A 250 -33.65 15.84 2.36
C GLU A 250 -32.73 16.60 1.43
N SER A 251 -31.73 15.90 0.88
CA SER A 251 -30.77 16.44 -0.10
C SER A 251 -30.45 15.34 -1.12
N CYS A 252 -30.11 15.74 -2.35
CA CYS A 252 -29.79 14.81 -3.44
C CYS A 252 -28.62 15.36 -4.25
N ARG A 253 -27.65 14.50 -4.59
CA ARG A 253 -26.48 14.90 -5.37
C ARG A 253 -26.05 13.75 -6.31
N LYS A 254 -26.07 13.98 -7.63
CA LYS A 254 -25.66 12.96 -8.62
C LYS A 254 -24.13 12.87 -8.65
N LEU A 255 -23.60 11.65 -8.83
CA LEU A 255 -22.15 11.39 -8.86
C LEU A 255 -21.68 11.05 -10.28
N PRO A 256 -20.37 11.19 -10.61
CA PRO A 256 -19.91 10.89 -11.99
C PRO A 256 -20.16 9.45 -12.41
N ASP A 257 -19.91 8.50 -11.48
CA ASP A 257 -20.12 7.06 -11.71
C ASP A 257 -21.59 6.69 -12.07
N GLY A 258 -22.57 7.56 -11.74
CA GLY A 258 -23.97 7.37 -12.08
C GLY A 258 -24.91 7.27 -10.89
N ARG A 259 -24.38 6.91 -9.70
CA ARG A 259 -25.16 6.76 -8.47
C ARG A 259 -25.71 8.10 -7.97
N LEU A 260 -26.69 8.07 -7.06
CA LEU A 260 -27.27 9.25 -6.43
C LEU A 260 -27.03 9.25 -4.92
N GLU A 261 -26.30 10.26 -4.38
CA GLU A 261 -26.06 10.37 -2.94
C GLU A 261 -27.25 11.10 -2.30
N LEU A 262 -28.13 10.34 -1.63
CA LEU A 262 -29.34 10.86 -0.97
C LEU A 262 -29.18 10.93 0.55
N ASN A 263 -29.58 12.06 1.16
CA ASN A 263 -29.66 12.23 2.62
C ASN A 263 -31.11 11.99 2.94
N VAL A 264 -31.43 10.96 3.76
CA VAL A 264 -32.82 10.61 4.03
C VAL A 264 -33.18 10.61 5.52
N GLU A 265 -34.48 10.43 5.81
CA GLU A 265 -35.05 10.32 7.15
C GLU A 265 -35.91 9.05 7.22
N ASP A 266 -35.56 8.11 8.14
CA ASP A 266 -36.22 6.82 8.38
C ASP A 266 -36.56 6.07 7.07
N ILE A 285 -33.79 -1.84 -9.54
CA ILE A 285 -32.56 -1.04 -9.45
C ILE A 285 -31.32 -1.94 -9.45
N GLU A 286 -30.16 -1.33 -9.75
CA GLU A 286 -28.88 -2.02 -9.90
C GLU A 286 -28.15 -2.26 -8.57
N GLU A 287 -28.01 -1.21 -7.74
CA GLU A 287 -27.29 -1.32 -6.45
C GLU A 287 -27.78 -0.26 -5.46
N ILE A 288 -28.17 -0.69 -4.24
CA ILE A 288 -28.63 0.21 -3.16
C ILE A 288 -27.76 -0.07 -1.93
N THR A 289 -27.34 1.00 -1.24
CA THR A 289 -26.54 0.92 -0.02
C THR A 289 -27.07 1.92 1.00
N TYR A 290 -27.08 1.52 2.28
CA TYR A 290 -27.56 2.37 3.38
C TYR A 290 -26.73 2.11 4.61
N HIS A 291 -26.18 3.18 5.21
CA HIS A 291 -25.36 3.07 6.42
C HIS A 291 -25.18 4.46 7.05
N LYS A 292 -24.60 4.50 8.27
CA LYS A 292 -24.30 5.76 8.96
C LYS A 292 -23.10 6.42 8.26
N PRO A 293 -22.97 7.76 8.27
CA PRO A 293 -21.84 8.38 7.56
C PRO A 293 -20.48 8.05 8.16
N THR A 294 -19.46 7.96 7.29
CA THR A 294 -18.06 7.75 7.63
C THR A 294 -17.28 8.86 6.97
N LEU A 295 -15.97 8.98 7.23
CA LEU A 295 -15.15 10.00 6.58
C LEU A 295 -14.99 9.72 5.06
N ASN A 296 -15.27 8.48 4.59
CA ASN A 296 -15.28 8.17 3.15
C ASN A 296 -16.52 8.81 2.50
N ASP A 297 -17.65 8.87 3.23
CA ASP A 297 -18.86 9.53 2.74
C ASP A 297 -18.67 11.06 2.72
N VAL A 298 -17.80 11.60 3.60
CA VAL A 298 -17.46 13.03 3.62
C VAL A 298 -16.57 13.31 2.40
N PHE A 299 -15.59 12.43 2.14
CA PHE A 299 -14.72 12.59 0.99
C PHE A 299 -15.51 12.54 -0.32
N LEU A 300 -16.49 11.65 -0.39
CA LEU A 300 -17.32 11.50 -1.59
C LEU A 300 -18.30 12.66 -1.73
N HIS A 301 -18.81 13.20 -0.61
CA HIS A 301 -19.67 14.39 -0.61
C HIS A 301 -18.89 15.63 -1.10
N LEU A 302 -17.67 15.82 -0.58
CA LEU A 302 -16.82 16.96 -0.95
C LEU A 302 -16.29 16.88 -2.39
N THR A 303 -15.90 15.68 -2.88
CA THR A 303 -15.23 15.54 -4.17
C THR A 303 -15.96 14.77 -5.29
N GLY A 304 -16.98 13.98 -4.97
CA GLY A 304 -17.68 13.11 -5.91
C GLY A 304 -17.02 11.76 -6.15
N ARG A 305 -16.00 11.39 -5.35
CA ARG A 305 -15.30 10.11 -5.48
C ARG A 305 -14.88 9.59 -4.09
N GLU A 306 -14.56 8.28 -3.98
CA GLU A 306 -14.19 7.64 -2.71
C GLU A 306 -12.67 7.67 -2.44
N LEU A 307 -12.26 7.31 -1.21
CA LEU A 307 -10.82 7.25 -0.82
C LEU A 307 -10.07 5.99 -1.33
N ARG A 308 -10.74 4.84 -1.36
CA ARG A 308 -10.17 3.55 -1.77
C ARG A 308 -9.93 3.47 -3.27
N GLU A 309 -9.06 2.52 -3.66
CA GLU A 309 -8.69 2.20 -5.05
C GLU A 309 -9.80 1.37 -5.70
N GLU A 310 -10.29 0.34 -4.97
CA GLU A 310 -11.35 -0.58 -5.42
C GLU A 310 -12.76 0.07 -5.67
N GLY A 311 -12.98 1.32 -5.22
CA GLY A 311 -14.26 2.01 -5.39
C GLY A 311 -14.72 2.18 -6.83
N PRO A 312 -16.06 2.36 -7.08
CA PRO A 312 -16.55 2.47 -8.47
C PRO A 312 -15.89 3.53 -9.39
N GLU A 313 -15.25 4.59 -8.82
CA GLU A 313 -14.55 5.65 -9.58
C GLU A 313 -13.69 5.12 -10.75
N ASN A 314 -13.01 3.97 -10.56
CA ASN A 314 -12.19 3.34 -11.61
C ASN A 314 -13.09 2.48 -12.49
N MSE B 2 -1.85 -22.57 -25.10
CA MSE B 2 -1.93 -24.01 -24.85
C MSE B 2 -0.76 -24.50 -24.00
O MSE B 2 -0.96 -25.23 -23.03
CB MSE B 2 -1.98 -24.78 -26.19
N GLU B 3 0.48 -24.10 -24.36
CA GLU B 3 1.69 -24.47 -23.62
C GLU B 3 1.70 -23.82 -22.21
N ASP B 4 2.05 -24.60 -21.18
CA ASP B 4 2.20 -24.12 -19.81
C ASP B 4 3.54 -23.47 -19.70
N ILE B 5 3.61 -22.20 -19.34
CA ILE B 5 4.88 -21.49 -19.20
C ILE B 5 5.25 -21.35 -17.70
N ILE B 6 4.29 -21.60 -16.77
CA ILE B 6 4.57 -21.71 -15.35
C ILE B 6 3.89 -22.98 -14.85
N VAL B 7 4.62 -23.84 -14.11
CA VAL B 7 4.06 -25.06 -13.52
C VAL B 7 4.57 -25.12 -12.10
N VAL B 8 3.66 -25.14 -11.12
CA VAL B 8 4.01 -25.16 -9.71
C VAL B 8 3.35 -26.34 -9.03
N GLU B 9 4.13 -27.15 -8.29
CA GLU B 9 3.62 -28.35 -7.62
C GLU B 9 4.01 -28.37 -6.13
N ASN B 10 3.01 -28.21 -5.25
CA ASN B 10 3.14 -28.26 -3.77
C ASN B 10 4.32 -27.39 -3.32
N LEU B 11 4.33 -26.13 -3.76
CA LEU B 11 5.41 -25.21 -3.40
C LEU B 11 5.20 -24.77 -1.97
N VAL B 12 6.18 -25.05 -1.09
CA VAL B 12 6.12 -24.76 0.34
C VAL B 12 7.24 -23.79 0.73
N LYS B 13 6.93 -22.89 1.66
CA LYS B 13 7.93 -22.04 2.30
C LYS B 13 7.65 -21.92 3.77
N LYS B 14 8.66 -22.27 4.58
CA LYS B 14 8.65 -22.12 6.02
C LYS B 14 9.73 -21.14 6.44
N PHE B 15 9.41 -20.29 7.40
CA PHE B 15 10.34 -19.37 8.06
C PHE B 15 10.43 -19.90 9.46
N GLY B 16 11.43 -20.73 9.73
CA GLY B 16 11.55 -21.45 10.99
C GLY B 16 10.45 -22.49 11.07
N ASP B 17 9.58 -22.40 12.10
CA ASP B 17 8.42 -23.27 12.29
C ASP B 17 7.14 -22.64 11.71
N PHE B 18 7.23 -21.39 11.20
CA PHE B 18 6.07 -20.71 10.64
C PHE B 18 5.89 -21.11 9.16
N GLU B 19 4.67 -21.51 8.79
CA GLU B 19 4.35 -21.88 7.40
C GLU B 19 3.76 -20.67 6.65
N ALA B 20 4.57 -20.05 5.78
CA ALA B 20 4.11 -18.89 4.97
C ALA B 20 3.33 -19.35 3.75
N VAL B 21 3.83 -20.39 3.04
CA VAL B 21 3.19 -20.97 1.83
C VAL B 21 3.11 -22.46 2.14
N LYS B 22 1.90 -23.06 2.07
CA LYS B 22 1.68 -24.42 2.58
C LYS B 22 1.53 -25.52 1.55
N GLY B 23 2.06 -25.31 0.35
CA GLY B 23 2.00 -26.30 -0.70
C GLY B 23 0.96 -25.84 -1.69
N VAL B 24 1.33 -24.89 -2.55
CA VAL B 24 0.40 -24.33 -3.54
C VAL B 24 0.73 -24.92 -4.90
N SER B 25 -0.29 -25.21 -5.72
CA SER B 25 -0.11 -25.73 -7.06
C SER B 25 -1.02 -25.04 -8.03
N PHE B 26 -0.52 -24.83 -9.24
CA PHE B 26 -1.23 -24.16 -10.33
C PHE B 26 -0.36 -24.17 -11.58
N SER B 27 -0.93 -23.76 -12.69
CA SER B 27 -0.19 -23.63 -13.93
C SER B 27 -0.69 -22.39 -14.66
N VAL B 28 0.16 -21.76 -15.44
CA VAL B 28 -0.19 -20.57 -16.22
C VAL B 28 0.11 -20.86 -17.67
N LYS B 29 -0.89 -20.66 -18.55
CA LYS B 29 -0.74 -20.85 -20.00
C LYS B 29 0.01 -19.66 -20.59
N LYS B 30 0.62 -19.86 -21.77
CA LYS B 30 1.34 -18.78 -22.48
C LYS B 30 0.35 -17.71 -22.92
N GLY B 31 0.71 -16.45 -22.69
CA GLY B 31 -0.13 -15.33 -23.08
C GLY B 31 -1.27 -15.07 -22.11
N GLU B 32 -1.21 -15.66 -20.93
CA GLU B 32 -2.26 -15.49 -19.94
C GLU B 32 -1.87 -14.46 -18.90
N ILE B 33 -2.87 -13.77 -18.32
CA ILE B 33 -2.71 -12.92 -17.15
C ILE B 33 -3.25 -13.76 -16.00
N PHE B 34 -2.39 -14.17 -15.08
CA PHE B 34 -2.75 -15.01 -13.95
C PHE B 34 -2.49 -14.22 -12.69
N ALA B 35 -3.51 -14.13 -11.83
CA ALA B 35 -3.42 -13.33 -10.62
C ALA B 35 -3.58 -14.13 -9.34
N PHE B 36 -2.73 -13.87 -8.38
CA PHE B 36 -2.85 -14.37 -7.00
C PHE B 36 -3.63 -13.28 -6.26
N LEU B 37 -4.89 -13.55 -5.87
CA LEU B 37 -5.72 -12.56 -5.18
C LEU B 37 -5.88 -13.00 -3.72
N GLY B 38 -5.50 -12.17 -2.77
CA GLY B 38 -5.63 -12.48 -1.36
C GLY B 38 -5.27 -11.28 -0.51
N PRO B 39 -5.58 -11.33 0.78
CA PRO B 39 -5.28 -10.18 1.67
C PRO B 39 -3.82 -10.13 2.11
N ASN B 40 -3.45 -9.09 2.84
CA ASN B 40 -2.11 -8.94 3.45
C ASN B 40 -1.86 -10.13 4.38
N GLY B 41 -0.69 -10.76 4.30
CA GLY B 41 -0.34 -11.94 5.08
C GLY B 41 -0.71 -13.28 4.45
N ALA B 42 -1.25 -13.33 3.22
CA ALA B 42 -1.66 -14.60 2.60
C ALA B 42 -0.50 -15.46 2.04
N GLY B 43 0.69 -14.89 1.83
CA GLY B 43 1.83 -15.60 1.24
C GLY B 43 2.06 -15.27 -0.24
N LYS B 44 1.56 -14.13 -0.72
CA LYS B 44 1.69 -13.71 -2.14
C LYS B 44 3.12 -13.28 -2.48
N THR B 45 3.73 -12.42 -1.66
CA THR B 45 5.12 -11.98 -1.91
C THR B 45 6.11 -13.16 -1.78
N THR B 46 5.92 -14.01 -0.78
CA THR B 46 6.79 -15.20 -0.59
C THR B 46 6.69 -16.10 -1.81
N THR B 47 5.47 -16.33 -2.33
CA THR B 47 5.32 -17.16 -3.53
C THR B 47 6.02 -16.53 -4.73
N ILE B 48 5.76 -15.24 -5.00
CA ILE B 48 6.33 -14.59 -6.18
C ILE B 48 7.88 -14.53 -6.07
N HIS B 49 8.44 -14.36 -4.85
CA HIS B 49 9.89 -14.40 -4.64
C HIS B 49 10.49 -15.78 -4.98
N MSE B 50 9.75 -16.89 -4.69
CA MSE B 50 10.20 -18.25 -5.04
C MSE B 50 10.13 -18.49 -6.54
O MSE B 50 11.06 -19.13 -7.07
CB MSE B 50 9.37 -19.31 -4.31
CG MSE B 50 9.62 -19.34 -2.82
SE MSE B 50 8.72 -20.87 -2.00
CE MSE B 50 6.90 -20.31 -2.05
N LEU B 51 9.05 -18.04 -7.22
CA LEU B 51 8.89 -18.20 -8.68
C LEU B 51 9.93 -17.42 -9.49
N THR B 52 10.44 -16.30 -8.95
CA THR B 52 11.41 -15.44 -9.65
C THR B 52 12.87 -15.71 -9.23
N THR B 53 13.13 -16.80 -8.46
CA THR B 53 14.47 -17.24 -8.03
C THR B 53 15.09 -16.36 -6.93
N LEU B 54 14.34 -15.40 -6.33
CA LEU B 54 14.90 -14.55 -5.28
C LEU B 54 14.87 -15.23 -3.89
N LEU B 55 14.03 -16.26 -3.69
CA LEU B 55 13.92 -16.98 -2.41
C LEU B 55 13.92 -18.49 -2.66
N LYS B 56 14.70 -19.24 -1.91
CA LYS B 56 14.75 -20.70 -2.09
C LYS B 56 13.52 -21.37 -1.43
N PRO B 57 12.76 -22.26 -2.12
CA PRO B 57 11.63 -22.95 -1.46
C PRO B 57 12.06 -23.93 -0.36
N THR B 58 11.17 -24.24 0.59
CA THR B 58 11.47 -25.26 1.60
C THR B 58 11.33 -26.62 0.88
N SER B 59 10.29 -26.72 0.04
CA SER B 59 10.06 -27.91 -0.78
C SER B 59 9.07 -27.58 -1.89
N GLY B 60 8.88 -28.54 -2.78
CA GLY B 60 7.99 -28.40 -3.92
C GLY B 60 8.76 -28.20 -5.20
N LYS B 61 8.05 -27.95 -6.29
CA LYS B 61 8.69 -27.80 -7.60
C LYS B 61 8.07 -26.68 -8.38
N ALA B 62 8.91 -25.96 -9.12
CA ALA B 62 8.48 -24.81 -9.93
C ALA B 62 9.29 -24.79 -11.22
N TRP B 63 8.59 -24.72 -12.36
CA TRP B 63 9.18 -24.62 -13.69
C TRP B 63 8.67 -23.34 -14.31
N VAL B 64 9.58 -22.46 -14.77
CA VAL B 64 9.19 -21.19 -15.41
C VAL B 64 9.87 -21.11 -16.78
N ALA B 65 9.07 -20.95 -17.87
CA ALA B 65 9.54 -20.84 -19.26
C ALA B 65 10.41 -22.03 -19.65
N GLY B 66 9.92 -23.24 -19.41
CA GLY B 66 10.61 -24.48 -19.73
C GLY B 66 11.85 -24.79 -18.91
N HIS B 67 12.07 -24.14 -17.74
CA HIS B 67 13.27 -24.37 -16.92
C HIS B 67 12.94 -24.50 -15.46
N ASP B 68 13.70 -25.36 -14.77
CA ASP B 68 13.53 -25.62 -13.34
C ASP B 68 14.05 -24.43 -12.54
N VAL B 69 13.19 -23.83 -11.73
CA VAL B 69 13.50 -22.66 -10.91
C VAL B 69 14.61 -22.96 -9.87
N LEU B 70 14.56 -24.17 -9.31
CA LEU B 70 15.49 -24.60 -8.27
C LEU B 70 16.85 -24.95 -8.87
N LYS B 71 16.88 -25.72 -9.98
CA LYS B 71 18.12 -26.21 -10.59
C LYS B 71 18.69 -25.33 -11.71
N GLU B 72 17.89 -24.43 -12.33
CA GLU B 72 18.35 -23.55 -13.42
C GLU B 72 17.90 -22.11 -13.16
N PRO B 73 18.21 -21.52 -11.97
CA PRO B 73 17.77 -20.14 -11.70
C PRO B 73 18.30 -19.09 -12.66
N ARG B 74 19.58 -19.21 -13.10
CA ARG B 74 20.18 -18.25 -14.04
C ARG B 74 19.47 -18.29 -15.39
N GLU B 75 19.08 -19.49 -15.88
CA GLU B 75 18.36 -19.62 -17.16
C GLU B 75 16.93 -19.05 -17.00
N VAL B 76 16.30 -19.24 -15.83
CA VAL B 76 14.97 -18.69 -15.55
C VAL B 76 15.05 -17.15 -15.49
N ARG B 77 16.05 -16.57 -14.78
CA ARG B 77 16.22 -15.11 -14.66
C ARG B 77 16.35 -14.42 -16.03
N ARG B 78 17.02 -15.07 -16.98
CA ARG B 78 17.19 -14.54 -18.34
C ARG B 78 15.87 -14.47 -19.12
N LYS B 79 14.88 -15.32 -18.80
CA LYS B 79 13.60 -15.41 -19.52
C LYS B 79 12.44 -14.64 -18.85
N ILE B 80 12.65 -14.02 -17.68
CA ILE B 80 11.57 -13.36 -16.95
C ILE B 80 11.92 -11.93 -16.59
N GLY B 81 10.88 -11.15 -16.33
CA GLY B 81 10.97 -9.76 -15.89
C GLY B 81 10.42 -9.66 -14.47
N ILE B 82 11.10 -8.86 -13.63
CA ILE B 82 10.73 -8.71 -12.23
C ILE B 82 10.46 -7.22 -11.92
N VAL B 83 9.26 -6.90 -11.37
CA VAL B 83 8.87 -5.55 -10.94
C VAL B 83 8.27 -5.67 -9.52
N PHE B 84 9.15 -5.64 -8.50
CA PHE B 84 8.76 -5.81 -7.09
C PHE B 84 8.83 -4.49 -6.33
N GLN B 85 8.34 -4.49 -5.08
CA GLN B 85 8.32 -3.29 -4.24
C GLN B 85 9.75 -2.86 -3.84
N ASP B 86 10.71 -3.81 -3.78
CA ASP B 86 12.11 -3.50 -3.51
C ASP B 86 12.73 -2.92 -4.79
N GLN B 87 12.72 -1.59 -4.92
CA GLN B 87 13.22 -0.89 -6.11
C GLN B 87 14.74 -1.01 -6.23
N SER B 88 15.25 -1.46 -7.40
CA SER B 88 16.69 -1.59 -7.66
C SER B 88 17.18 -0.51 -8.65
N LEU B 89 16.39 0.58 -8.86
CA LEU B 89 16.81 1.71 -9.68
C LEU B 89 17.79 2.54 -8.89
N ASP B 90 18.68 3.26 -9.59
CA ASP B 90 19.65 4.15 -8.97
C ASP B 90 19.10 5.59 -9.01
N ARG B 91 18.92 6.20 -7.83
CA ARG B 91 18.36 7.55 -7.73
C ARG B 91 19.30 8.62 -8.33
N GLU B 92 20.63 8.39 -8.33
CA GLU B 92 21.58 9.36 -8.90
C GLU B 92 21.56 9.37 -10.42
N LEU B 93 21.36 8.20 -11.06
CA LEU B 93 21.30 8.12 -12.52
C LEU B 93 19.93 8.54 -13.06
N THR B 94 19.89 9.05 -14.31
CA THR B 94 18.63 9.42 -14.96
C THR B 94 17.85 8.16 -15.40
N ALA B 95 16.60 8.34 -15.88
CA ALA B 95 15.75 7.23 -16.35
C ALA B 95 16.43 6.49 -17.50
N TYR B 96 16.95 7.23 -18.48
CA TYR B 96 17.66 6.66 -19.63
C TYR B 96 18.92 5.91 -19.19
N GLU B 97 19.72 6.52 -18.30
CA GLU B 97 20.96 5.93 -17.78
C GLU B 97 20.69 4.65 -17.00
N ASN B 98 19.63 4.62 -16.16
CA ASN B 98 19.25 3.40 -15.44
C ASN B 98 18.94 2.26 -16.40
N MSE B 99 18.32 2.57 -17.54
CA MSE B 99 17.98 1.52 -18.48
C MSE B 99 19.13 1.16 -19.38
O MSE B 99 19.21 0.01 -19.75
CB MSE B 99 16.71 1.84 -19.23
CG MSE B 99 15.55 1.43 -18.38
SE MSE B 99 13.90 1.84 -19.05
CE MSE B 99 13.87 1.02 -20.82
N TYR B 100 20.07 2.08 -19.63
CA TYR B 100 21.30 1.73 -20.35
C TYR B 100 22.13 0.74 -19.50
N ILE B 101 22.20 0.95 -18.17
CA ILE B 101 22.93 0.06 -17.25
C ILE B 101 22.38 -1.36 -17.35
N HIS B 102 21.05 -1.51 -17.19
CA HIS B 102 20.36 -2.81 -17.26
C HIS B 102 20.54 -3.47 -18.63
N GLY B 103 20.49 -2.67 -19.71
CA GLY B 103 20.65 -3.18 -21.06
C GLY B 103 22.03 -3.75 -21.34
N LYS B 104 23.09 -3.03 -20.90
CA LYS B 104 24.48 -3.48 -21.08
C LYS B 104 24.79 -4.72 -20.22
N ILE B 105 24.17 -4.84 -19.03
CA ILE B 105 24.34 -6.00 -18.16
C ILE B 105 23.79 -7.27 -18.84
N TYR B 106 22.64 -7.19 -19.52
CA TYR B 106 22.03 -8.35 -20.19
C TYR B 106 22.65 -8.67 -21.58
N GLY B 107 23.61 -7.85 -22.05
CA GLY B 107 24.32 -8.09 -23.31
C GLY B 107 23.91 -7.25 -24.52
N TYR B 108 23.07 -6.22 -24.32
CA TYR B 108 22.63 -5.35 -25.43
C TYR B 108 23.56 -4.15 -25.57
N GLY B 109 23.44 -3.44 -26.68
CA GLY B 109 24.27 -2.26 -26.92
C GLY B 109 24.04 -1.60 -28.25
N GLY B 110 24.82 -0.55 -28.51
CA GLY B 110 24.77 0.20 -29.75
C GLY B 110 23.51 1.02 -29.95
N GLU B 111 23.28 1.45 -31.21
CA GLU B 111 22.09 2.24 -31.60
C GLU B 111 20.79 1.45 -31.33
N LYS B 112 20.83 0.10 -31.47
CA LYS B 112 19.67 -0.77 -31.25
C LYS B 112 19.18 -0.70 -29.79
N LEU B 113 20.11 -0.73 -28.81
CA LEU B 113 19.75 -0.63 -27.38
C LEU B 113 19.16 0.77 -27.11
N LYS B 114 19.78 1.83 -27.66
CA LYS B 114 19.28 3.19 -27.52
C LYS B 114 17.84 3.31 -28.03
N LYS B 115 17.56 2.72 -29.21
CA LYS B 115 16.22 2.77 -29.81
C LYS B 115 15.20 2.03 -28.94
N ARG B 116 15.56 0.85 -28.47
CA ARG B 116 14.72 0.04 -27.61
C ARG B 116 14.35 0.80 -26.35
N ILE B 117 15.34 1.43 -25.69
CA ILE B 117 15.12 2.17 -24.43
C ILE B 117 14.08 3.26 -24.67
N LEU B 118 14.26 4.05 -25.73
CA LEU B 118 13.35 5.15 -26.08
C LEU B 118 11.96 4.60 -26.39
N GLU B 119 11.87 3.47 -27.12
CA GLU B 119 10.59 2.84 -27.42
C GLU B 119 9.90 2.41 -26.12
N LEU B 120 10.61 1.67 -25.22
CA LEU B 120 10.06 1.21 -23.93
C LEU B 120 9.69 2.41 -23.05
N LEU B 121 10.48 3.50 -23.09
CA LEU B 121 10.15 4.73 -22.34
C LEU B 121 8.89 5.37 -22.93
N GLU B 122 8.73 5.34 -24.27
CA GLU B 122 7.51 5.84 -24.94
C GLU B 122 6.32 4.94 -24.55
N PHE B 123 6.51 3.62 -24.52
CA PHE B 123 5.44 2.68 -24.14
C PHE B 123 4.92 2.97 -22.69
N VAL B 124 5.81 3.28 -21.72
CA VAL B 124 5.37 3.56 -20.34
C VAL B 124 5.14 5.09 -20.10
N GLU B 125 5.17 5.91 -21.17
CA GLU B 125 4.90 7.34 -21.17
C GLU B 125 5.90 8.13 -20.28
N LEU B 126 7.20 7.78 -20.37
CA LEU B 126 8.30 8.44 -19.65
C LEU B 126 9.37 8.98 -20.62
N LEU B 127 9.10 9.00 -21.94
CA LEU B 127 10.09 9.48 -22.90
C LEU B 127 10.47 10.96 -22.65
N GLU B 128 9.51 11.80 -22.22
CA GLU B 128 9.77 13.22 -21.95
C GLU B 128 10.68 13.42 -20.71
N PHE B 129 10.74 12.41 -19.80
CA PHE B 129 11.59 12.46 -18.60
C PHE B 129 12.84 11.56 -18.76
N LYS B 130 13.25 11.23 -19.99
CA LYS B 130 14.40 10.36 -20.24
C LYS B 130 15.69 10.89 -19.58
N ASP B 131 15.94 12.21 -19.69
CA ASP B 131 17.12 12.87 -19.12
C ASP B 131 16.75 13.61 -17.83
N LYS B 132 16.15 12.90 -16.88
CA LYS B 132 15.74 13.46 -15.58
C LYS B 132 16.14 12.50 -14.44
N PRO B 133 16.77 12.97 -13.34
CA PRO B 133 17.18 12.04 -12.27
C PRO B 133 16.00 11.30 -11.63
N VAL B 134 16.23 10.03 -11.25
CA VAL B 134 15.22 9.16 -10.64
C VAL B 134 15.00 9.55 -9.15
N LYS B 135 15.92 10.36 -8.57
CA LYS B 135 15.73 10.90 -7.21
C LYS B 135 14.50 11.84 -7.21
N THR B 136 14.28 12.55 -8.34
CA THR B 136 13.17 13.49 -8.54
C THR B 136 11.96 12.83 -9.22
N PHE B 137 11.77 11.49 -9.07
CA PHE B 137 10.66 10.73 -9.68
C PHE B 137 9.65 10.31 -8.62
N SER B 138 8.36 10.34 -8.98
CA SER B 138 7.22 9.84 -8.19
C SER B 138 7.30 8.35 -7.99
N GLY B 139 6.43 7.83 -7.13
CA GLY B 139 6.33 6.38 -6.97
C GLY B 139 5.75 5.74 -8.23
N GLY B 140 4.75 6.39 -8.81
CA GLY B 140 4.10 5.96 -10.03
C GLY B 140 5.06 5.94 -11.20
N MSE B 141 5.83 7.03 -11.35
CA MSE B 141 6.84 7.15 -12.41
C MSE B 141 7.92 6.06 -12.26
O MSE B 141 8.27 5.40 -13.25
CB MSE B 141 7.48 8.52 -12.38
CG MSE B 141 6.53 9.64 -12.77
SE MSE B 141 7.32 11.36 -12.43
CE MSE B 141 8.19 11.62 -14.12
N ALA B 142 8.43 5.86 -11.03
CA ALA B 142 9.45 4.85 -10.72
C ALA B 142 8.92 3.45 -11.02
N ARG B 143 7.63 3.19 -10.74
CA ARG B 143 7.06 1.87 -11.04
C ARG B 143 6.87 1.71 -12.56
N ARG B 144 6.49 2.79 -13.27
CA ARG B 144 6.36 2.75 -14.72
C ARG B 144 7.76 2.47 -15.35
N LEU B 145 8.83 3.08 -14.78
CA LEU B 145 10.22 2.88 -15.22
C LEU B 145 10.70 1.43 -14.97
N GLU B 146 10.23 0.79 -13.87
CA GLU B 146 10.57 -0.60 -13.58
C GLU B 146 9.96 -1.53 -14.61
N ILE B 147 8.72 -1.23 -15.09
CA ILE B 147 8.04 -2.00 -16.14
C ILE B 147 8.87 -1.92 -17.43
N ALA B 148 9.24 -0.71 -17.86
CA ALA B 148 10.06 -0.51 -19.07
C ALA B 148 11.42 -1.21 -18.94
N ARG B 149 12.07 -1.08 -17.78
CA ARG B 149 13.38 -1.70 -17.54
C ARG B 149 13.30 -3.22 -17.60
N SER B 150 12.26 -3.83 -16.98
CA SER B 150 12.11 -5.29 -16.97
C SER B 150 11.90 -5.88 -18.37
N LEU B 151 11.45 -5.06 -19.36
CA LEU B 151 11.18 -5.49 -20.73
C LEU B 151 12.39 -5.38 -21.69
N ILE B 152 13.50 -4.70 -21.30
CA ILE B 152 14.67 -4.53 -22.17
C ILE B 152 15.18 -5.87 -22.72
N HIS B 153 15.32 -6.86 -21.81
CA HIS B 153 15.85 -8.18 -22.18
C HIS B 153 14.79 -9.14 -22.72
N GLU B 154 13.66 -8.63 -23.24
CA GLU B 154 12.62 -9.43 -23.90
C GLU B 154 12.21 -10.69 -23.11
N PRO B 155 11.68 -10.52 -21.88
CA PRO B 155 11.26 -11.69 -21.11
C PRO B 155 9.98 -12.30 -21.67
N GLU B 156 9.75 -13.58 -21.41
CA GLU B 156 8.52 -14.25 -21.86
C GLU B 156 7.42 -14.06 -20.83
N VAL B 157 7.82 -13.91 -19.55
CA VAL B 157 6.92 -13.79 -18.40
C VAL B 157 7.30 -12.58 -17.62
N LEU B 158 6.30 -11.80 -17.21
CA LEU B 158 6.53 -10.65 -16.35
C LEU B 158 5.90 -10.95 -14.98
N PHE B 159 6.69 -10.80 -13.90
CA PHE B 159 6.24 -10.99 -12.51
C PHE B 159 6.03 -9.65 -11.82
N LEU B 160 4.78 -9.34 -11.41
CA LEU B 160 4.45 -8.05 -10.75
C LEU B 160 3.94 -8.31 -9.34
N ASP B 161 4.65 -7.83 -8.32
CA ASP B 161 4.20 -8.00 -6.94
C ASP B 161 3.39 -6.74 -6.58
N GLU B 162 2.02 -6.81 -6.62
CA GLU B 162 1.13 -5.67 -6.28
C GLU B 162 1.48 -4.46 -7.12
N PRO B 163 1.28 -4.56 -8.44
CA PRO B 163 1.72 -3.45 -9.32
C PRO B 163 1.12 -2.07 -9.04
N THR B 164 -0.13 -1.95 -8.58
CA THR B 164 -0.72 -0.61 -8.48
C THR B 164 -0.95 -0.18 -7.04
N ILE B 165 -0.34 -0.85 -6.03
CA ILE B 165 -0.46 -0.39 -4.63
C ILE B 165 0.26 0.95 -4.49
N GLY B 166 -0.35 1.91 -3.80
CA GLY B 166 0.24 3.22 -3.58
C GLY B 166 0.11 4.18 -4.76
N LEU B 167 -0.67 3.84 -5.81
CA LEU B 167 -0.79 4.69 -7.01
C LEU B 167 -2.12 5.41 -7.12
N ASP B 168 -2.09 6.58 -7.77
CA ASP B 168 -3.28 7.38 -8.03
C ASP B 168 -4.13 6.66 -9.07
N PRO B 169 -5.43 6.99 -9.22
CA PRO B 169 -6.26 6.27 -10.21
C PRO B 169 -5.79 6.39 -11.66
N HIS B 170 -5.24 7.55 -12.08
CA HIS B 170 -4.78 7.74 -13.46
C HIS B 170 -3.58 6.84 -13.75
N THR B 171 -2.53 6.86 -12.91
CA THR B 171 -1.38 5.94 -13.09
C THR B 171 -1.84 4.49 -13.02
N ARG B 172 -2.78 4.18 -12.12
CA ARG B 172 -3.32 2.82 -11.95
C ARG B 172 -4.00 2.34 -13.24
N ALA B 173 -4.86 3.20 -13.83
CA ALA B 173 -5.55 2.93 -15.10
C ALA B 173 -4.55 2.72 -16.24
N HIS B 174 -3.48 3.54 -16.28
CA HIS B 174 -2.43 3.41 -17.29
C HIS B 174 -1.63 2.11 -17.09
N MSE B 175 -1.37 1.74 -15.83
CA MSE B 175 -0.67 0.49 -15.51
C MSE B 175 -1.44 -0.72 -16.05
O MSE B 175 -0.84 -1.67 -16.55
CB MSE B 175 -0.45 0.33 -13.98
CG MSE B 175 0.79 -0.52 -13.65
SE MSE B 175 2.42 0.53 -13.87
CE MSE B 175 2.34 1.59 -12.41
N TRP B 176 -2.77 -0.69 -15.93
CA TRP B 176 -3.63 -1.76 -16.43
C TRP B 176 -3.58 -1.83 -17.96
N GLU B 177 -3.50 -0.68 -18.66
CA GLU B 177 -3.40 -0.66 -20.12
C GLU B 177 -2.09 -1.30 -20.57
N TYR B 178 -0.94 -0.97 -19.92
CA TYR B 178 0.35 -1.60 -20.30
C TYR B 178 0.28 -3.11 -20.19
N ILE B 179 -0.27 -3.62 -19.08
CA ILE B 179 -0.39 -5.05 -18.81
C ILE B 179 -1.26 -5.69 -19.90
N SER B 180 -2.40 -5.05 -20.20
CA SER B 180 -3.34 -5.53 -21.20
C SER B 180 -2.68 -5.57 -22.59
N LYS B 181 -1.96 -4.49 -22.95
CA LYS B 181 -1.27 -4.39 -24.22
C LYS B 181 -0.12 -5.39 -24.31
N MSE B 182 0.58 -5.67 -23.19
CA MSE B 182 1.67 -6.65 -23.20
C MSE B 182 1.09 -8.05 -23.52
O MSE B 182 1.65 -8.77 -24.35
CB MSE B 182 2.43 -6.67 -21.87
CG MSE B 182 3.46 -5.54 -21.70
SE MSE B 182 4.33 -5.73 -19.95
CE MSE B 182 3.47 -4.32 -18.89
N LYS B 183 -0.06 -8.40 -22.91
CA LYS B 183 -0.75 -9.67 -23.16
C LYS B 183 -1.24 -9.76 -24.61
N LYS B 184 -2.12 -8.85 -24.98
CA LYS B 184 -2.78 -8.88 -26.27
C LYS B 184 -1.86 -8.62 -27.46
N GLU B 185 -1.08 -7.55 -27.41
CA GLU B 185 -0.25 -7.19 -28.56
C GLU B 185 1.09 -7.91 -28.60
N HIS B 186 1.61 -8.47 -27.47
CA HIS B 186 2.93 -9.09 -27.52
C HIS B 186 2.98 -10.52 -27.00
N ASN B 187 1.81 -11.18 -26.80
CA ASN B 187 1.72 -12.57 -26.30
C ASN B 187 2.52 -12.76 -24.98
N MSE B 188 2.59 -11.71 -24.17
CA MSE B 188 3.31 -11.75 -22.90
C MSE B 188 2.50 -12.52 -21.85
O MSE B 188 1.26 -12.42 -21.85
CB MSE B 188 3.55 -10.31 -22.42
CG MSE B 188 4.33 -10.19 -21.10
SE MSE B 188 6.20 -10.48 -21.38
CE MSE B 188 6.56 -8.77 -22.34
N THR B 189 3.19 -13.25 -20.95
CA THR B 189 2.55 -13.91 -19.82
C THR B 189 2.80 -13.04 -18.62
N ILE B 190 1.77 -12.82 -17.81
CA ILE B 190 1.90 -11.97 -16.66
C ILE B 190 1.37 -12.69 -15.44
N PHE B 191 2.24 -12.84 -14.44
CA PHE B 191 1.86 -13.37 -13.14
C PHE B 191 1.85 -12.16 -12.20
N LEU B 192 0.71 -11.84 -11.61
CA LEU B 192 0.67 -10.70 -10.68
C LEU B 192 0.02 -11.09 -9.37
N THR B 193 0.44 -10.42 -8.29
CA THR B 193 -0.15 -10.60 -6.96
C THR B 193 -0.91 -9.32 -6.66
N THR B 194 -2.02 -9.41 -5.94
CA THR B 194 -2.85 -8.25 -5.65
C THR B 194 -3.84 -8.56 -4.54
N HIS B 195 -4.37 -7.53 -3.85
CA HIS B 195 -5.49 -7.68 -2.92
C HIS B 195 -6.66 -6.84 -3.45
N TYR B 196 -6.57 -6.37 -4.71
CA TYR B 196 -7.62 -5.56 -5.31
C TYR B 196 -8.53 -6.42 -6.15
N MSE B 197 -9.80 -6.49 -5.78
CA MSE B 197 -10.78 -7.29 -6.52
C MSE B 197 -10.98 -6.72 -7.93
O MSE B 197 -11.11 -7.50 -8.87
CB MSE B 197 -12.10 -7.41 -5.73
CG MSE B 197 -13.39 -6.96 -6.44
SE MSE B 197 -14.29 -5.54 -5.46
CE MSE B 197 -13.34 -4.09 -6.18
N ASP B 198 -10.99 -5.37 -8.09
CA ASP B 198 -11.22 -4.74 -9.41
C ASP B 198 -10.05 -5.04 -10.33
N GLU B 199 -8.81 -5.04 -9.83
CA GLU B 199 -7.61 -5.35 -10.62
C GLU B 199 -7.62 -6.82 -11.12
N ALA B 200 -8.11 -7.76 -10.29
CA ALA B 200 -8.16 -9.20 -10.63
C ALA B 200 -9.26 -9.50 -11.67
N GLU B 201 -10.45 -8.91 -11.47
CA GLU B 201 -11.57 -9.10 -12.41
C GLU B 201 -11.30 -8.50 -13.78
N GLN B 202 -10.81 -7.27 -13.80
CA GLN B 202 -10.56 -6.53 -15.03
C GLN B 202 -9.41 -7.10 -15.86
N LEU B 203 -8.33 -7.59 -15.23
CA LEU B 203 -7.13 -8.06 -15.96
C LEU B 203 -6.96 -9.56 -16.09
N ALA B 204 -7.25 -10.32 -15.05
CA ALA B 204 -6.90 -11.74 -15.03
C ALA B 204 -7.78 -12.65 -15.88
N ASP B 205 -7.14 -13.60 -16.55
CA ASP B 205 -7.83 -14.67 -17.27
C ASP B 205 -8.28 -15.70 -16.23
N ARG B 206 -7.38 -15.99 -15.28
CA ARG B 206 -7.64 -16.88 -14.17
C ARG B 206 -7.09 -16.30 -12.90
N VAL B 207 -7.74 -16.60 -11.78
CA VAL B 207 -7.39 -16.11 -10.48
C VAL B 207 -7.27 -17.26 -9.50
N ALA B 208 -6.19 -17.27 -8.70
CA ALA B 208 -6.02 -18.19 -7.57
C ALA B 208 -6.27 -17.35 -6.33
N ILE B 209 -7.35 -17.64 -5.58
CA ILE B 209 -7.64 -16.90 -4.34
C ILE B 209 -6.76 -17.53 -3.28
N ILE B 210 -5.96 -16.72 -2.61
CA ILE B 210 -5.02 -17.23 -1.61
C ILE B 210 -5.37 -16.69 -0.24
N ASP B 211 -5.28 -17.54 0.79
CA ASP B 211 -5.55 -17.14 2.17
C ASP B 211 -4.74 -17.99 3.11
N HIS B 212 -3.97 -17.37 4.01
CA HIS B 212 -3.09 -18.03 4.98
C HIS B 212 -2.25 -19.17 4.35
N GLY B 213 -1.53 -18.86 3.26
CA GLY B 213 -0.60 -19.77 2.60
C GLY B 213 -1.17 -20.87 1.75
N LYS B 214 -2.47 -20.77 1.41
CA LYS B 214 -3.15 -21.82 0.64
C LYS B 214 -3.97 -21.24 -0.48
N ILE B 215 -4.13 -22.00 -1.57
CA ILE B 215 -5.04 -21.63 -2.64
C ILE B 215 -6.40 -22.13 -2.15
N ILE B 216 -7.38 -21.25 -1.97
CA ILE B 216 -8.71 -21.66 -1.47
C ILE B 216 -9.76 -21.68 -2.60
N ALA B 217 -9.41 -21.20 -3.80
CA ALA B 217 -10.26 -21.21 -4.98
C ALA B 217 -9.41 -20.86 -6.18
N LEU B 218 -9.72 -21.44 -7.35
CA LEU B 218 -8.96 -21.19 -8.57
C LEU B 218 -9.86 -21.31 -9.78
N GLY B 219 -9.85 -20.30 -10.65
CA GLY B 219 -10.62 -20.33 -11.88
C GLY B 219 -10.73 -18.96 -12.51
N THR B 220 -11.58 -18.81 -13.53
CA THR B 220 -11.78 -17.49 -14.14
C THR B 220 -12.61 -16.63 -13.19
N PRO B 221 -12.52 -15.27 -13.25
CA PRO B 221 -13.37 -14.43 -12.39
C PRO B 221 -14.86 -14.83 -12.43
N THR B 222 -15.38 -15.27 -13.61
CA THR B 222 -16.79 -15.69 -13.75
C THR B 222 -17.06 -17.02 -13.08
N GLU B 223 -16.15 -18.01 -13.20
CA GLU B 223 -16.29 -19.31 -12.52
C GLU B 223 -16.32 -19.10 -11.00
N LEU B 224 -15.46 -18.18 -10.51
CA LEU B 224 -15.40 -17.87 -9.08
C LEU B 224 -16.67 -17.14 -8.64
N LYS B 225 -17.14 -16.15 -9.44
CA LYS B 225 -18.38 -15.42 -9.13
C LYS B 225 -19.61 -16.36 -9.11
N ARG B 226 -19.59 -17.46 -9.88
CA ARG B 226 -20.67 -18.45 -9.91
C ARG B 226 -20.87 -19.13 -8.54
N MSE B 227 -19.84 -19.12 -7.66
CA MSE B 227 -19.92 -19.73 -6.32
C MSE B 227 -20.85 -18.96 -5.39
O MSE B 227 -21.27 -19.52 -4.37
CB MSE B 227 -18.52 -19.81 -5.68
CG MSE B 227 -17.54 -20.65 -6.48
SE MSE B 227 -15.84 -20.79 -5.56
CE MSE B 227 -16.34 -22.19 -4.31
N VAL B 228 -21.13 -17.67 -5.70
CA VAL B 228 -22.06 -16.83 -4.91
C VAL B 228 -23.27 -16.54 -5.78
N GLY B 229 -24.32 -15.98 -5.20
CA GLY B 229 -25.52 -15.67 -5.95
C GLY B 229 -25.33 -14.65 -7.06
N LYS B 230 -26.34 -14.47 -7.92
CA LYS B 230 -26.27 -13.47 -8.99
C LYS B 230 -26.51 -12.06 -8.41
N GLU B 231 -27.17 -11.98 -7.24
CA GLU B 231 -27.46 -10.75 -6.52
C GLU B 231 -27.31 -11.02 -5.00
N ILE B 232 -26.39 -10.32 -4.32
CA ILE B 232 -26.12 -10.51 -2.89
C ILE B 232 -26.67 -9.35 -2.05
N ILE B 233 -27.03 -9.64 -0.79
CA ILE B 233 -27.51 -8.67 0.20
C ILE B 233 -26.74 -8.87 1.50
N TYR B 234 -26.33 -7.76 2.15
CA TYR B 234 -25.68 -7.74 3.46
C TYR B 234 -26.55 -6.92 4.38
N VAL B 235 -27.13 -7.52 5.43
CA VAL B 235 -28.01 -6.80 6.34
C VAL B 235 -27.50 -6.95 7.77
N ARG B 236 -27.61 -5.87 8.59
CA ARG B 236 -27.19 -5.86 10.00
C ARG B 236 -28.33 -5.38 10.88
N CYS B 252 -28.48 -18.33 3.02
CA CYS B 252 -28.20 -17.44 4.14
C CYS B 252 -26.96 -17.92 4.90
N ARG B 253 -26.07 -16.97 5.25
CA ARG B 253 -24.84 -17.28 6.00
C ARG B 253 -24.48 -16.13 6.94
N LYS B 254 -24.43 -16.39 8.27
CA LYS B 254 -24.09 -15.37 9.27
C LYS B 254 -22.58 -15.15 9.26
N LEU B 255 -22.13 -13.88 9.45
CA LEU B 255 -20.72 -13.50 9.44
C LEU B 255 -20.24 -13.16 10.86
N PRO B 256 -18.91 -13.21 11.15
CA PRO B 256 -18.44 -12.90 12.51
C PRO B 256 -18.78 -11.49 12.98
N ASP B 257 -18.63 -10.50 12.06
CA ASP B 257 -18.94 -9.08 12.33
C ASP B 257 -20.43 -8.85 12.75
N GLY B 258 -21.33 -9.77 12.42
CA GLY B 258 -22.75 -9.68 12.79
C GLY B 258 -23.73 -9.66 11.64
N ARG B 259 -23.33 -9.17 10.44
CA ARG B 259 -24.27 -9.07 9.32
C ARG B 259 -24.53 -10.45 8.69
N LEU B 260 -25.60 -10.54 7.87
CA LEU B 260 -26.08 -11.76 7.22
C LEU B 260 -25.88 -11.71 5.71
N GLU B 261 -25.09 -12.62 5.13
CA GLU B 261 -24.89 -12.68 3.68
C GLU B 261 -26.02 -13.50 3.04
N LEU B 262 -26.94 -12.85 2.29
CA LEU B 262 -28.06 -13.57 1.65
C LEU B 262 -27.76 -13.86 0.17
N LYS B 284 -35.49 0.21 8.37
CA LYS B 284 -35.91 -0.53 9.56
C LYS B 284 -34.78 -1.46 10.10
N ILE B 285 -33.50 -1.17 9.74
CA ILE B 285 -32.33 -1.96 10.18
C ILE B 285 -31.09 -1.04 10.33
N GLU B 286 -29.93 -1.59 10.78
CA GLU B 286 -28.72 -0.78 11.00
C GLU B 286 -28.00 -0.44 9.69
N GLU B 287 -27.75 -1.46 8.83
CA GLU B 287 -27.07 -1.25 7.55
C GLU B 287 -27.47 -2.32 6.52
N ILE B 288 -27.93 -1.89 5.33
CA ILE B 288 -28.34 -2.79 4.24
C ILE B 288 -27.53 -2.41 2.99
N THR B 289 -27.03 -3.42 2.27
CA THR B 289 -26.26 -3.24 1.03
C THR B 289 -26.75 -4.25 0.00
N TYR B 290 -26.82 -3.84 -1.26
CA TYR B 290 -27.26 -4.68 -2.37
C TYR B 290 -26.49 -4.32 -3.62
N HIS B 291 -25.87 -5.30 -4.27
CA HIS B 291 -25.10 -5.09 -5.50
C HIS B 291 -24.83 -6.44 -6.18
N LYS B 292 -24.26 -6.39 -7.40
CA LYS B 292 -23.90 -7.60 -8.14
C LYS B 292 -22.62 -8.19 -7.49
N PRO B 293 -22.39 -9.51 -7.53
CA PRO B 293 -21.20 -10.06 -6.86
C PRO B 293 -19.88 -9.62 -7.50
N THR B 294 -18.85 -9.47 -6.65
CA THR B 294 -17.47 -9.14 -7.04
C THR B 294 -16.59 -10.22 -6.42
N LEU B 295 -15.28 -10.24 -6.74
CA LEU B 295 -14.38 -11.22 -6.14
C LEU B 295 -14.18 -10.98 -4.62
N ASN B 296 -14.52 -9.77 -4.10
CA ASN B 296 -14.50 -9.50 -2.66
C ASN B 296 -15.67 -10.24 -1.99
N ASP B 297 -16.83 -10.36 -2.68
CA ASP B 297 -17.98 -11.11 -2.18
C ASP B 297 -17.69 -12.62 -2.20
N VAL B 298 -16.81 -13.08 -3.12
CA VAL B 298 -16.38 -14.47 -3.19
C VAL B 298 -15.43 -14.72 -2.02
N PHE B 299 -14.53 -13.76 -1.70
CA PHE B 299 -13.63 -13.89 -0.54
C PHE B 299 -14.44 -13.91 0.77
N LEU B 300 -15.45 -13.02 0.90
CA LEU B 300 -16.34 -13.01 2.07
C LEU B 300 -17.09 -14.32 2.20
N HIS B 301 -17.57 -14.87 1.07
CA HIS B 301 -18.31 -16.13 1.06
C HIS B 301 -17.44 -17.32 1.50
N LEU B 302 -16.17 -17.37 1.07
CA LEU B 302 -15.27 -18.48 1.42
C LEU B 302 -14.66 -18.36 2.83
N THR B 303 -14.28 -17.13 3.26
CA THR B 303 -13.56 -16.92 4.53
C THR B 303 -14.30 -16.12 5.63
N GLY B 304 -15.47 -15.56 5.33
CA GLY B 304 -16.22 -14.77 6.31
C GLY B 304 -15.66 -13.39 6.58
N ARG B 305 -14.64 -12.92 5.82
CA ARG B 305 -14.03 -11.59 5.96
C ARG B 305 -13.70 -11.03 4.57
N GLU B 306 -13.14 -9.83 4.46
CA GLU B 306 -12.86 -9.21 3.14
C GLU B 306 -11.36 -9.03 2.86
N LEU B 307 -11.07 -8.67 1.60
CA LEU B 307 -9.71 -8.43 1.11
C LEU B 307 -9.10 -7.14 1.65
N ARG B 308 -9.91 -6.05 1.79
CA ARG B 308 -9.39 -4.76 2.25
C ARG B 308 -9.12 -4.72 3.76
N GLU B 309 -8.28 -3.77 4.18
CA GLU B 309 -7.90 -3.50 5.57
C GLU B 309 -9.04 -2.75 6.28
N GLU B 310 -9.59 -1.72 5.61
CA GLU B 310 -10.67 -0.86 6.14
C GLU B 310 -12.04 -1.59 6.37
N GLY B 311 -12.22 -2.81 5.87
CA GLY B 311 -13.46 -3.57 6.03
C GLY B 311 -13.89 -3.83 7.46
N PRO B 312 -15.22 -4.08 7.73
CA PRO B 312 -15.68 -4.27 9.13
C PRO B 312 -14.95 -5.31 9.98
N GLU B 313 -14.27 -6.32 9.37
CA GLU B 313 -13.50 -7.38 10.07
C GLU B 313 -12.64 -6.87 11.24
N ASN B 314 -12.02 -5.67 11.09
CA ASN B 314 -11.22 -5.03 12.15
C ASN B 314 -12.15 -4.25 13.07
PB ADP C . 0.30 10.43 -1.53
O1B ADP C . 1.36 10.10 -0.54
O2B ADP C . -0.18 9.28 -2.25
O3B ADP C . -0.91 11.04 -0.76
PA ADP C . 2.39 11.94 -2.89
O1A ADP C . 3.28 10.71 -2.90
O2A ADP C . 2.89 12.90 -1.90
O3A ADP C . 0.88 11.49 -2.58
O5' ADP C . 2.45 12.62 -4.31
C5' ADP C . 1.48 13.57 -4.77
C4' ADP C . 1.70 13.78 -6.24
O4' ADP C . 3.05 14.23 -6.48
C3' ADP C . 1.47 12.56 -7.14
O3' ADP C . 0.69 12.90 -8.28
C2' ADP C . 2.89 12.10 -7.48
O2' ADP C . 2.99 11.51 -8.77
C1' ADP C . 3.69 13.40 -7.43
N9 ADP C . 5.08 13.22 -7.02
C8 ADP C . 5.53 12.78 -5.80
N7 ADP C . 6.85 12.72 -5.72
C5 ADP C . 7.28 13.16 -6.96
C6 ADP C . 8.56 13.33 -7.51
N6 ADP C . 9.69 13.12 -6.83
N1 ADP C . 8.64 13.73 -8.81
C2 ADP C . 7.51 13.96 -9.48
N3 ADP C . 6.25 13.88 -9.06
C4 ADP C . 6.20 13.47 -7.78
CL CL D . -10.18 18.85 -5.50
CL CL E . -4.62 -0.47 0.17
PB ADP F . 1.36 -11.10 1.36
O1B ADP F . 2.28 -10.64 0.37
O2B ADP F . 0.91 -9.99 2.25
O3B ADP F . 0.16 -11.71 0.68
PA ADP F . 3.63 -12.51 2.62
O1A ADP F . 4.40 -11.19 2.72
O2A ADP F . 4.30 -13.43 1.68
O3A ADP F . 2.11 -12.22 2.23
O5' ADP F . 3.61 -13.19 4.05
C5' ADP F . 2.78 -14.33 4.32
C4' ADP F . 2.93 -14.72 5.77
O4' ADP F . 4.33 -14.98 6.04
C3' ADP F . 2.46 -13.69 6.79
O3' ADP F . 1.60 -14.27 7.78
C2' ADP F . 3.75 -13.04 7.29
O2' ADP F . 3.64 -12.76 8.67
C1' ADP F . 4.82 -14.13 7.04
N9 ADP F . 6.14 -13.65 6.61
C8 ADP F . 6.41 -12.99 5.44
N7 ADP F . 7.70 -12.82 5.20
C5 ADP F . 8.31 -13.42 6.31
C6 ADP F . 9.65 -13.52 6.69
N6 ADP F . 10.68 -13.12 5.92
N1 ADP F . 9.93 -14.09 7.89
C2 ADP F . 8.90 -14.54 8.64
N3 ADP F . 7.60 -14.51 8.37
C4 ADP F . 7.36 -13.92 7.18
#